data_2Y2I
#
_entry.id   2Y2I
#
_cell.length_a   97.635
_cell.length_b   148.767
_cell.length_c   97.517
_cell.angle_alpha   90.00
_cell.angle_beta   90.00
_cell.angle_gamma   90.00
#
_symmetry.space_group_name_H-M   'C 2 2 21'
#
loop_
_entity.id
_entity.type
_entity.pdbx_description
1 polymer 'PENICILLIN-BINDING PROTEIN 1B'
2 non-polymer TRIHYDROXY-[[(2-NITROPHENYL)CARBONYLAMINO]METHYL]BORON
3 non-polymer 'SULFATE ION'
4 non-polymer 'CHLORIDE ION'
5 non-polymer 'SODIUM ION'
6 water water
#
_entity_poly.entity_id   1
_entity_poly.type   'polypeptide(L)'
_entity_poly.pdbx_seq_one_letter_code
;DISSISEITYSDGTVIASIESDLLRQDFLPSGTVTGISRDYLYFTTLAEAQERMYDYLAQRDNVSAKELKNEATQKFYRD
LAAKEIENGGYKITTTIDQKIHSAMQSAVADYGYLLDDGTGRVEVGNVLMDNQTGAILGFVGGRNYQENQNNHAFDTKRS
PASTTKPLLAYGIAIDQGLMGSETILSNYPTNFANGNPIMYANSKGTGMMTLGEALNYSWNIPAYWTYRMLRENGVDVKG
YMEKMGYEIPEYGIESLPMGGGIEVTVAQHTNGYQTLANNGVYHQKHVISKIEAADGRVVYEYQDKPVQVYSKATATIMQ
GLLREVLSSRVTTTFKSNLTSLNPTLANADWIGKTGTTGQDENMWLMLSTPRLTLGGWIGHDDNHSLSQQAGYSNNSNYM
AHLVNAIQQASPSIWGNERFALDPSVVKSEVLKSTGQKPGKVSVEGKEVEVTGSTVTSYWANKSGAPATSYRFAIGGSDA
DYQNAWSSIVGSLP
;
_entity_poly.pdbx_strand_id   A
#
loop_
_chem_comp.id
_chem_comp.type
_chem_comp.name
_chem_comp.formula
CL non-polymer 'CHLORIDE ION' 'Cl -1'
NA non-polymer 'SODIUM ION' 'Na 1'
SO4 non-polymer 'SULFATE ION' 'O4 S -2'
ZA3 non-polymer TRIHYDROXY-[[(2-NITROPHENYL)CARBONYLAMINO]METHYL]BORON 'C8 H10 B N2 O6 -1'
#
# COMPACT_ATOMS: atom_id res chain seq x y z
N ILE A 5 9.55 -14.16 -35.99
CA ILE A 5 9.76 -12.94 -35.13
C ILE A 5 8.94 -12.98 -33.83
N SER A 6 9.58 -12.66 -32.70
CA SER A 6 8.85 -12.63 -31.44
C SER A 6 8.07 -11.32 -31.30
N GLU A 7 6.90 -11.39 -30.66
CA GLU A 7 6.12 -10.20 -30.38
C GLU A 7 5.75 -10.11 -28.90
N ILE A 8 5.75 -8.88 -28.39
CA ILE A 8 5.13 -8.58 -27.10
C ILE A 8 3.77 -7.93 -27.38
N THR A 9 2.72 -8.40 -26.70
CA THR A 9 1.37 -7.88 -26.97
C THR A 9 0.73 -7.32 -25.72
N TYR A 10 -0.23 -6.43 -25.97
CA TYR A 10 -1.17 -5.95 -24.95
C TYR A 10 -2.11 -7.11 -24.62
N SER A 11 -2.96 -6.93 -23.61
CA SER A 11 -3.76 -8.04 -23.11
C SER A 11 -4.74 -8.55 -24.16
N ASP A 12 -5.17 -7.67 -25.08
CA ASP A 12 -6.11 -8.05 -26.14
C ASP A 12 -5.42 -8.65 -27.36
N GLY A 13 -4.13 -8.89 -27.25
CA GLY A 13 -3.38 -9.52 -28.35
C GLY A 13 -2.80 -8.53 -29.36
N THR A 14 -3.18 -7.25 -29.29
CA THR A 14 -2.58 -6.19 -30.12
C THR A 14 -1.08 -6.07 -29.87
N VAL A 15 -0.30 -6.01 -30.93
CA VAL A 15 1.15 -6.05 -30.78
C VAL A 15 1.71 -4.73 -30.24
N ILE A 16 2.50 -4.84 -29.19
CA ILE A 16 3.25 -3.72 -28.63
C ILE A 16 4.50 -3.52 -29.50
N ALA A 17 5.31 -4.57 -29.64
CA ALA A 17 6.53 -4.45 -30.46
C ALA A 17 6.91 -5.85 -30.92
N SER A 18 7.66 -5.95 -32.01
CA SER A 18 8.53 -7.12 -32.26
C SER A 18 9.91 -7.01 -31.55
N ILE A 19 10.56 -8.15 -31.29
CA ILE A 19 11.90 -8.14 -30.68
C ILE A 19 12.99 -8.39 -31.73
N ASP A 40 11.11 2.69 -24.88
CA ASP A 40 10.47 3.17 -23.66
C ASP A 40 10.20 2.11 -22.57
N TYR A 41 9.70 2.56 -21.41
CA TYR A 41 9.49 1.65 -20.27
C TYR A 41 8.70 0.40 -20.62
N LEU A 42 7.55 0.56 -21.29
CA LEU A 42 6.71 -0.63 -21.58
C LEU A 42 7.56 -1.78 -22.21
N TYR A 43 8.31 -1.44 -23.26
CA TYR A 43 9.14 -2.43 -23.95
C TYR A 43 10.14 -3.11 -23.00
N PHE A 44 10.98 -2.32 -22.34
CA PHE A 44 12.05 -2.89 -21.51
C PHE A 44 11.56 -3.69 -20.30
N THR A 45 10.55 -3.15 -19.61
CA THR A 45 9.86 -3.82 -18.51
C THR A 45 9.29 -5.16 -18.88
N THR A 46 8.43 -5.21 -19.92
CA THR A 46 7.83 -6.48 -20.36
C THR A 46 8.88 -7.47 -20.92
N LEU A 47 9.89 -6.92 -21.59
CA LEU A 47 10.91 -7.81 -22.17
C LEU A 47 11.72 -8.42 -21.03
N ALA A 48 12.09 -7.58 -20.07
CA ALA A 48 12.89 -8.07 -18.92
C ALA A 48 12.16 -9.21 -18.18
N GLU A 49 10.89 -9.00 -17.86
CA GLU A 49 10.16 -10.04 -17.19
C GLU A 49 10.07 -11.32 -18.04
N ALA A 50 9.74 -11.15 -19.33
CA ALA A 50 9.66 -12.29 -20.22
C ALA A 50 10.99 -13.02 -20.30
N GLN A 51 12.11 -12.29 -20.22
CA GLN A 51 13.44 -12.96 -20.30
C GLN A 51 13.64 -13.79 -19.03
N GLU A 52 13.12 -13.30 -17.90
CA GLU A 52 13.26 -14.04 -16.66
C GLU A 52 12.45 -15.33 -16.73
N ARG A 53 11.23 -15.25 -17.28
CA ARG A 53 10.39 -16.47 -17.37
C ARG A 53 11.04 -17.46 -18.36
N MET A 54 11.66 -16.93 -19.42
CA MET A 54 12.33 -17.79 -20.45
C MET A 54 13.56 -18.49 -19.82
N TYR A 55 14.27 -17.74 -18.99
CA TYR A 55 15.39 -18.28 -18.21
C TYR A 55 14.93 -19.52 -17.43
N ASP A 56 13.82 -19.38 -16.71
CA ASP A 56 13.32 -20.46 -15.86
C ASP A 56 12.96 -21.66 -16.73
N TYR A 57 12.30 -21.37 -17.85
CA TYR A 57 11.82 -22.41 -18.73
C TYR A 57 13.01 -23.18 -19.36
N LEU A 58 14.03 -22.43 -19.81
CA LEU A 58 15.18 -22.99 -20.55
C LEU A 58 16.07 -23.88 -19.63
N ALA A 59 16.24 -23.42 -18.40
CA ALA A 59 17.02 -24.17 -17.39
C ALA A 59 16.37 -25.52 -17.07
N GLN A 60 15.05 -25.47 -16.87
CA GLN A 60 14.27 -26.68 -16.59
C GLN A 60 14.23 -27.60 -17.82
N ARG A 61 14.08 -27.02 -19.01
CA ARG A 61 14.14 -27.79 -20.27
C ARG A 61 15.47 -28.54 -20.41
N ASP A 62 16.60 -27.84 -20.21
CA ASP A 62 17.91 -28.45 -20.33
C ASP A 62 18.29 -29.31 -19.12
N ASN A 63 17.35 -29.53 -18.21
CA ASN A 63 17.61 -30.38 -17.04
C ASN A 63 18.74 -29.84 -16.16
N VAL A 64 18.81 -28.54 -15.99
CA VAL A 64 19.84 -27.98 -15.13
C VAL A 64 19.30 -28.05 -13.70
N SER A 65 19.99 -28.75 -12.81
CA SER A 65 19.57 -28.81 -11.38
C SER A 65 19.59 -27.45 -10.67
N ALA A 66 18.95 -27.37 -9.50
CA ALA A 66 19.08 -26.18 -8.63
C ALA A 66 20.53 -25.91 -8.22
N LYS A 67 21.31 -26.95 -7.95
CA LYS A 67 22.69 -26.75 -7.52
C LYS A 67 23.54 -26.20 -8.66
N GLU A 68 23.38 -26.76 -9.86
CA GLU A 68 24.10 -26.24 -11.02
C GLU A 68 23.67 -24.80 -11.31
N LEU A 69 22.43 -24.47 -10.97
CA LEU A 69 21.89 -23.14 -11.20
C LEU A 69 22.47 -22.09 -10.27
N LYS A 70 23.18 -22.57 -9.24
CA LYS A 70 23.77 -21.67 -8.25
C LYS A 70 25.10 -21.17 -8.83
N ASN A 71 25.60 -21.89 -9.83
CA ASN A 71 26.87 -21.52 -10.43
C ASN A 71 26.76 -20.21 -11.23
N GLU A 72 27.54 -19.21 -10.85
CA GLU A 72 27.41 -17.87 -11.47
C GLU A 72 27.62 -17.91 -13.02
N ALA A 73 28.60 -18.67 -13.49
CA ALA A 73 28.82 -18.78 -14.95
C ALA A 73 27.64 -19.44 -15.67
N THR A 74 27.11 -20.51 -15.10
CA THR A 74 25.89 -21.10 -15.69
C THR A 74 24.74 -20.11 -15.74
N GLN A 75 24.55 -19.36 -14.65
CA GLN A 75 23.47 -18.36 -14.63
C GLN A 75 23.64 -17.33 -15.75
N LYS A 76 24.85 -16.82 -15.92
CA LYS A 76 25.07 -15.80 -16.92
C LYS A 76 24.76 -16.40 -18.31
N PHE A 77 25.23 -17.63 -18.53
CA PHE A 77 24.96 -18.32 -19.82
C PHE A 77 23.44 -18.45 -20.08
N TYR A 78 22.69 -18.94 -19.10
CA TYR A 78 21.28 -19.10 -19.29
C TYR A 78 20.48 -17.78 -19.42
N ARG A 79 20.95 -16.73 -18.77
CA ARG A 79 20.29 -15.41 -18.95
C ARG A 79 20.53 -14.91 -20.38
N ASP A 80 21.76 -15.07 -20.88
CA ASP A 80 22.02 -14.65 -22.26
C ASP A 80 21.18 -15.53 -23.22
N LEU A 81 21.16 -16.84 -22.95
CA LEU A 81 20.41 -17.72 -23.80
C LEU A 81 18.93 -17.29 -23.89
N ALA A 82 18.37 -16.91 -22.73
CA ALA A 82 16.94 -16.51 -22.69
C ALA A 82 16.74 -15.26 -23.50
N ALA A 83 17.69 -14.30 -23.41
CA ALA A 83 17.58 -13.09 -24.25
C ALA A 83 17.57 -13.43 -25.74
N LYS A 84 18.52 -14.27 -26.17
CA LYS A 84 18.69 -14.58 -27.59
C LYS A 84 17.51 -15.41 -28.04
N GLU A 85 17.03 -16.32 -27.19
CA GLU A 85 15.87 -17.15 -27.55
C GLU A 85 14.67 -16.30 -28.00
N ILE A 86 14.39 -15.25 -27.23
CA ILE A 86 13.37 -14.28 -27.64
C ILE A 86 13.67 -13.50 -28.90
N GLU A 87 14.87 -12.91 -28.98
CA GLU A 87 15.32 -12.23 -30.19
C GLU A 87 15.09 -13.03 -31.46
N ASN A 88 15.45 -14.32 -31.42
CA ASN A 88 15.51 -15.14 -32.62
C ASN A 88 14.30 -16.04 -32.84
N GLY A 89 13.65 -16.44 -31.74
CA GLY A 89 12.48 -17.32 -31.78
C GLY A 89 11.26 -16.61 -32.31
N GLY A 90 10.14 -17.29 -32.29
CA GLY A 90 8.91 -16.64 -32.73
C GLY A 90 7.88 -16.68 -31.62
N TYR A 91 8.30 -16.35 -30.40
CA TYR A 91 7.45 -16.41 -29.20
C TYR A 91 6.44 -15.28 -29.17
N LYS A 92 5.26 -15.54 -28.57
CA LYS A 92 4.25 -14.54 -28.40
C LYS A 92 4.13 -14.35 -26.90
N ILE A 93 4.40 -13.13 -26.45
CA ILE A 93 4.44 -12.85 -25.03
C ILE A 93 3.19 -12.00 -24.78
N THR A 94 2.22 -12.55 -24.04
CA THR A 94 1.00 -11.82 -23.74
C THR A 94 1.19 -11.11 -22.41
N THR A 95 1.13 -9.77 -22.45
CA THR A 95 1.17 -8.94 -21.21
C THR A 95 -0.23 -8.64 -20.70
N THR A 96 -0.31 -8.12 -19.47
CA THR A 96 -1.53 -7.73 -18.83
C THR A 96 -1.86 -6.28 -19.19
N ILE A 97 -0.99 -5.65 -19.98
CA ILE A 97 -1.14 -4.19 -20.24
C ILE A 97 -2.34 -3.89 -21.10
N ASP A 98 -3.12 -2.88 -20.69
CA ASP A 98 -4.23 -2.35 -21.44
C ASP A 98 -3.74 -1.13 -22.22
N GLN A 99 -3.72 -1.25 -23.57
CA GLN A 99 -3.11 -0.24 -24.45
C GLN A 99 -3.63 1.15 -24.23
N LYS A 100 -4.95 1.32 -24.34
CA LYS A 100 -5.53 2.66 -24.10
C LYS A 100 -5.17 3.23 -22.75
N ILE A 101 -5.28 2.40 -21.71
CA ILE A 101 -4.96 2.86 -20.36
C ILE A 101 -3.48 3.27 -20.21
N HIS A 102 -2.62 2.36 -20.59
CA HIS A 102 -1.19 2.63 -20.42
C HIS A 102 -0.77 3.86 -21.29
N SER A 103 -1.28 3.95 -22.53
CA SER A 103 -1.06 5.17 -23.35
C SER A 103 -1.52 6.46 -22.67
N ALA A 104 -2.67 6.40 -21.99
CA ALA A 104 -3.24 7.59 -21.38
C ALA A 104 -2.37 7.96 -20.19
N MET A 105 -1.81 6.95 -19.51
CA MET A 105 -0.94 7.18 -18.35
C MET A 105 0.38 7.84 -18.82
N GLN A 106 0.91 7.39 -19.95
CA GLN A 106 2.11 8.06 -20.52
C GLN A 106 1.81 9.53 -20.86
N SER A 107 0.68 9.79 -21.53
CA SER A 107 0.32 11.16 -21.91
C SER A 107 0.17 12.02 -20.68
N ALA A 108 -0.41 11.43 -19.64
CA ALA A 108 -0.67 12.17 -18.39
C ALA A 108 0.68 12.61 -17.76
N VAL A 109 1.62 11.68 -17.59
CA VAL A 109 2.91 12.07 -17.04
C VAL A 109 3.68 13.04 -17.91
N ALA A 110 3.56 12.89 -19.23
CA ALA A 110 4.19 13.84 -20.15
C ALA A 110 3.60 15.23 -20.00
N ASP A 111 2.27 15.33 -19.89
CA ASP A 111 1.63 16.65 -19.87
C ASP A 111 1.66 17.25 -18.45
N TYR A 112 1.54 16.40 -17.45
CA TYR A 112 1.27 16.86 -16.09
C TYR A 112 2.40 16.56 -15.11
N GLY A 113 3.44 15.83 -15.53
CA GLY A 113 4.53 15.53 -14.57
C GLY A 113 5.16 16.80 -14.01
N TYR A 114 5.14 17.90 -14.76
CA TYR A 114 5.82 19.12 -14.31
C TYR A 114 5.16 19.66 -13.04
N LEU A 115 3.91 19.21 -12.80
CA LEU A 115 3.16 19.63 -11.58
C LEU A 115 3.82 19.05 -10.33
N LEU A 116 4.67 18.04 -10.51
CA LEU A 116 5.43 17.48 -9.39
C LEU A 116 6.59 18.36 -8.94
N ASP A 117 7.13 19.17 -9.86
CA ASP A 117 8.31 19.92 -9.55
C ASP A 117 8.03 21.03 -8.51
N ASP A 118 8.74 20.98 -7.38
CA ASP A 118 8.30 21.71 -6.16
C ASP A 118 9.44 22.62 -5.67
N GLY A 119 10.40 22.91 -6.54
CA GLY A 119 11.50 23.78 -6.15
C GLY A 119 12.62 23.04 -5.43
N THR A 120 12.59 21.71 -5.48
CA THR A 120 13.72 20.88 -5.00
C THR A 120 14.44 20.15 -6.12
N GLY A 121 14.28 20.69 -7.33
CA GLY A 121 14.83 20.06 -8.51
C GLY A 121 13.77 19.19 -9.19
N ARG A 122 14.16 18.52 -10.27
CA ARG A 122 13.26 17.70 -11.04
C ARG A 122 12.85 16.52 -10.18
N VAL A 123 11.54 16.32 -10.07
CA VAL A 123 11.01 15.28 -9.21
C VAL A 123 10.68 14.03 -10.04
N GLU A 124 11.17 12.88 -9.60
CA GLU A 124 10.78 11.62 -10.22
C GLU A 124 9.53 10.97 -9.69
N VAL A 125 9.09 9.93 -10.39
CA VAL A 125 7.75 9.42 -10.17
C VAL A 125 7.62 7.97 -10.65
N GLY A 126 6.78 7.20 -9.95
CA GLY A 126 6.46 5.85 -10.35
C GLY A 126 5.02 5.60 -9.99
N ASN A 127 4.31 4.90 -10.86
CA ASN A 127 2.90 4.56 -10.58
C ASN A 127 2.62 3.17 -11.12
N VAL A 128 1.71 2.44 -10.47
CA VAL A 128 1.31 1.14 -11.04
C VAL A 128 -0.19 0.99 -10.83
N LEU A 129 -0.90 0.63 -11.89
CA LEU A 129 -2.37 0.46 -11.82
C LEU A 129 -2.61 -1.01 -11.87
N MET A 130 -3.35 -1.54 -10.89
CA MET A 130 -3.50 -2.99 -10.75
C MET A 130 -4.96 -3.39 -10.56
N ASP A 131 -5.36 -4.47 -11.26
CA ASP A 131 -6.69 -5.11 -11.10
C ASP A 131 -6.81 -5.82 -9.76
N ASN A 132 -7.74 -5.36 -8.91
CA ASN A 132 -7.82 -5.89 -7.53
C ASN A 132 -8.19 -7.36 -7.50
N GLN A 133 -8.96 -7.78 -8.51
CA GLN A 133 -9.42 -9.14 -8.51
C GLN A 133 -8.41 -10.12 -9.07
N THR A 134 -7.37 -9.61 -9.76
CA THR A 134 -6.45 -10.58 -10.40
C THR A 134 -4.96 -10.35 -10.08
N GLY A 135 -4.60 -9.13 -9.68
CA GLY A 135 -3.19 -8.76 -9.55
C GLY A 135 -2.59 -8.32 -10.89
N ALA A 136 -3.37 -8.35 -11.98
CA ALA A 136 -2.83 -7.96 -13.32
C ALA A 136 -2.43 -6.46 -13.28
N ILE A 137 -1.30 -6.11 -13.89
CA ILE A 137 -0.93 -4.67 -14.00
C ILE A 137 -1.37 -4.10 -15.36
N LEU A 138 -2.32 -3.16 -15.31
CA LEU A 138 -3.00 -2.76 -16.56
C LEU A 138 -2.15 -1.68 -17.20
N GLY A 139 -1.40 -0.96 -16.36
CA GLY A 139 -0.60 0.17 -16.89
C GLY A 139 0.29 0.71 -15.79
N PHE A 140 1.31 1.52 -16.16
CA PHE A 140 2.20 2.01 -15.13
C PHE A 140 2.95 3.24 -15.67
N VAL A 141 3.55 3.97 -14.75
CA VAL A 141 4.45 5.06 -15.10
C VAL A 141 5.83 4.81 -14.55
N GLY A 142 6.84 4.76 -15.44
CA GLY A 142 8.14 4.31 -14.95
C GLY A 142 8.98 5.54 -14.54
N GLY A 143 8.53 6.72 -14.94
CA GLY A 143 9.35 7.89 -14.68
C GLY A 143 8.94 9.03 -15.54
N ARG A 144 9.57 10.17 -15.34
CA ARG A 144 9.12 11.40 -15.97
C ARG A 144 9.32 11.30 -17.48
N ASN A 145 10.40 10.65 -17.91
CA ASN A 145 10.77 10.68 -19.35
C ASN A 145 11.92 9.72 -19.56
N TYR A 146 11.61 8.54 -20.08
CA TYR A 146 12.68 7.51 -20.35
C TYR A 146 13.92 8.06 -21.04
N GLN A 147 13.74 8.99 -21.99
CA GLN A 147 14.85 9.42 -22.83
C GLN A 147 15.86 10.23 -22.00
N GLU A 148 15.40 10.81 -20.90
CA GLU A 148 16.29 11.66 -20.10
C GLU A 148 16.81 10.87 -18.90
N ASN A 149 15.99 9.95 -18.37
CA ASN A 149 16.38 9.12 -17.22
C ASN A 149 15.70 7.75 -17.35
N GLN A 150 16.52 6.72 -17.47
CA GLN A 150 15.93 5.42 -17.73
C GLN A 150 15.55 4.63 -16.49
N ASN A 151 15.92 5.11 -15.31
CA ASN A 151 15.54 4.37 -14.09
C ASN A 151 14.03 4.09 -14.05
N ASN A 152 13.68 2.83 -13.83
CA ASN A 152 12.28 2.44 -13.76
C ASN A 152 11.74 2.50 -12.32
N HIS A 153 10.98 3.55 -12.04
CA HIS A 153 10.55 3.80 -10.68
C HIS A 153 9.26 3.05 -10.37
N ALA A 154 8.68 2.34 -11.36
CA ALA A 154 7.52 1.52 -11.03
C ALA A 154 7.92 0.12 -10.59
N PHE A 155 8.96 -0.44 -11.22
CA PHE A 155 9.23 -1.89 -11.03
C PHE A 155 10.55 -2.14 -10.33
N ASP A 156 11.49 -1.19 -10.44
CA ASP A 156 12.88 -1.46 -10.07
C ASP A 156 13.30 -0.74 -8.82
N THR A 157 12.99 0.54 -8.67
CA THR A 157 13.60 1.28 -7.58
C THR A 157 12.88 0.91 -6.24
N LYS A 158 13.62 0.88 -5.13
CA LYS A 158 12.96 0.50 -3.85
C LYS A 158 13.19 1.61 -2.85
N ARG A 159 12.12 2.04 -2.17
CA ARG A 159 12.20 3.15 -1.29
C ARG A 159 11.33 2.78 -0.12
N SER A 160 11.57 3.43 1.01
CA SER A 160 10.71 3.23 2.16
C SER A 160 9.26 3.63 1.81
N PRO A 161 8.28 2.79 2.13
CA PRO A 161 6.84 3.13 1.94
C PRO A 161 6.27 4.07 3.04
N ALA A 162 7.14 4.43 3.99
CA ALA A 162 6.84 5.42 5.01
C ALA A 162 5.50 5.10 5.67
N SER A 163 4.67 6.11 5.95
CA SER A 163 3.42 5.83 6.67
C SER A 163 2.32 5.05 5.94
N THR A 164 2.51 4.73 4.67
CA THR A 164 1.56 3.78 4.04
C THR A 164 1.79 2.35 4.57
N THR A 165 2.85 2.16 5.34
CA THR A 165 3.03 0.86 6.06
C THR A 165 1.96 0.60 7.08
N LYS A 166 1.47 1.67 7.72
CA LYS A 166 0.70 1.56 8.94
C LYS A 166 -0.58 0.70 8.79
N PRO A 167 -1.36 0.87 7.74
CA PRO A 167 -2.57 0.07 7.62
C PRO A 167 -2.28 -1.41 7.50
N LEU A 168 -1.21 -1.78 6.82
CA LEU A 168 -0.86 -3.17 6.57
C LEU A 168 -0.19 -3.84 7.76
N LEU A 169 0.83 -3.18 8.34
CA LEU A 169 1.67 -3.92 9.27
C LEU A 169 1.19 -3.69 10.71
N ALA A 170 0.55 -2.56 10.95
CA ALA A 170 0.18 -2.25 12.35
C ALA A 170 -1.32 -2.39 12.57
N TYR A 171 -2.07 -1.43 12.06
CA TYR A 171 -3.51 -1.41 12.35
C TYR A 171 -4.25 -2.62 11.79
N GLY A 172 -3.94 -3.00 10.56
CA GLY A 172 -4.66 -4.11 9.93
C GLY A 172 -4.47 -5.43 10.66
N ILE A 173 -3.25 -5.66 11.14
CA ILE A 173 -2.94 -6.88 11.87
C ILE A 173 -3.54 -6.84 13.26
N ALA A 174 -3.55 -5.66 13.87
CA ALA A 174 -4.07 -5.59 15.22
C ALA A 174 -5.57 -5.87 15.18
N ILE A 175 -6.27 -5.26 14.21
CA ILE A 175 -7.68 -5.57 14.00
C ILE A 175 -7.93 -7.04 13.71
N ASP A 176 -7.15 -7.60 12.80
CA ASP A 176 -7.30 -9.02 12.41
C ASP A 176 -7.08 -9.97 13.58
N GLN A 177 -6.23 -9.57 14.54
CA GLN A 177 -5.96 -10.37 15.69
C GLN A 177 -6.94 -10.10 16.81
N GLY A 178 -7.86 -9.17 16.61
CA GLY A 178 -8.87 -8.97 17.65
C GLY A 178 -8.29 -8.14 18.77
N LEU A 179 -7.27 -7.37 18.47
CA LEU A 179 -6.58 -6.57 19.50
C LEU A 179 -7.01 -5.13 19.44
N MET A 180 -7.94 -4.82 18.53
CA MET A 180 -8.26 -3.46 18.18
C MET A 180 -9.57 -3.47 17.39
N GLY A 181 -10.38 -2.41 17.55
CA GLY A 181 -11.54 -2.17 16.71
C GLY A 181 -11.52 -0.77 16.09
N SER A 182 -12.51 -0.46 15.26
CA SER A 182 -12.47 0.76 14.46
C SER A 182 -12.47 2.03 15.30
N GLU A 183 -13.05 1.98 16.49
CA GLU A 183 -13.06 3.17 17.36
C GLU A 183 -12.17 3.02 18.57
N THR A 184 -11.25 2.07 18.51
CA THR A 184 -10.27 1.89 19.61
C THR A 184 -9.46 3.19 19.83
N ILE A 185 -9.11 3.45 21.08
CA ILE A 185 -8.28 4.62 21.43
C ILE A 185 -6.79 4.28 21.52
N LEU A 186 -5.96 5.18 21.00
CA LEU A 186 -4.52 5.04 21.04
C LEU A 186 -3.82 6.25 21.64
N SER A 187 -2.69 5.99 22.29
CA SER A 187 -1.88 7.09 22.80
C SER A 187 -1.10 7.80 21.71
N ASN A 188 -1.31 9.11 21.61
CA ASN A 188 -0.37 9.96 20.89
C ASN A 188 0.37 10.88 21.86
N TYR A 189 0.43 10.51 23.12
CA TYR A 189 1.24 11.35 24.03
C TYR A 189 2.73 11.23 23.65
N PRO A 190 3.53 12.25 23.94
CA PRO A 190 4.97 12.18 23.69
C PRO A 190 5.62 10.91 24.31
N THR A 191 6.47 10.23 23.54
CA THR A 191 7.26 9.11 24.08
C THR A 191 8.55 9.04 23.24
N ASN A 192 9.59 8.41 23.78
CA ASN A 192 10.88 8.35 23.09
C ASN A 192 11.19 6.99 22.50
N PHE A 193 11.96 6.98 21.41
CA PHE A 193 12.59 5.75 20.98
C PHE A 193 13.50 5.21 22.08
N ALA A 194 13.93 3.95 21.96
CA ALA A 194 14.65 3.32 23.06
C ALA A 194 15.90 4.11 23.33
N ASN A 195 16.41 4.78 22.31
CA ASN A 195 17.65 5.51 22.46
C ASN A 195 17.49 6.90 23.10
N GLY A 196 16.27 7.26 23.47
CA GLY A 196 16.07 8.53 24.16
C GLY A 196 15.49 9.63 23.28
N ASN A 197 15.62 9.51 21.96
CA ASN A 197 15.09 10.52 21.04
C ASN A 197 13.57 10.45 20.94
N PRO A 198 12.93 11.62 20.98
CA PRO A 198 11.48 11.76 20.77
C PRO A 198 10.96 11.17 19.48
N ILE A 199 9.81 10.50 19.54
CA ILE A 199 9.16 10.13 18.32
C ILE A 199 8.41 11.35 17.82
N MET A 200 8.75 11.79 16.60
CA MET A 200 8.28 13.05 16.03
C MET A 200 7.22 12.80 14.99
N TYR A 201 6.42 13.81 14.72
CA TYR A 201 5.56 13.83 13.53
C TYR A 201 5.50 15.28 13.09
N ALA A 202 5.94 15.55 11.86
CA ALA A 202 6.40 16.89 11.51
C ALA A 202 7.17 17.49 12.66
N ASN A 203 6.70 18.62 13.14
CA ASN A 203 7.41 19.21 14.22
C ASN A 203 6.76 19.00 15.56
N SER A 204 5.88 18.02 15.67
CA SER A 204 5.17 17.84 16.94
C SER A 204 5.75 16.64 17.69
N LYS A 205 5.89 16.75 19.01
CA LYS A 205 6.30 15.64 19.85
C LYS A 205 5.10 14.82 20.35
N GLY A 206 3.91 15.13 19.83
CA GLY A 206 2.66 14.41 20.16
C GLY A 206 1.59 15.23 20.89
N THR A 207 0.45 14.63 21.17
CA THR A 207 -0.70 15.33 21.77
C THR A 207 -1.26 14.51 22.93
N GLY A 208 -2.31 13.73 22.67
CA GLY A 208 -3.04 13.05 23.76
C GLY A 208 -3.66 11.78 23.20
N MET A 209 -4.72 11.32 23.84
CA MET A 209 -5.41 10.11 23.38
C MET A 209 -6.15 10.44 22.10
N MET A 210 -6.33 9.47 21.20
CA MET A 210 -7.13 9.72 19.99
C MET A 210 -7.68 8.42 19.42
N THR A 211 -8.75 8.52 18.62
CA THR A 211 -9.31 7.34 17.98
C THR A 211 -8.36 6.84 16.88
N LEU A 212 -8.55 5.61 16.46
CA LEU A 212 -7.87 5.09 15.28
C LEU A 212 -8.11 5.95 14.05
N GLY A 213 -9.35 6.37 13.87
CA GLY A 213 -9.69 7.21 12.72
C GLY A 213 -8.79 8.45 12.69
N GLU A 214 -8.65 9.10 13.82
CA GLU A 214 -7.86 10.34 13.85
C GLU A 214 -6.34 10.05 13.65
N ALA A 215 -5.88 8.94 14.21
CA ALA A 215 -4.49 8.52 14.02
C ALA A 215 -4.19 8.32 12.53
N LEU A 216 -5.09 7.65 11.83
CA LEU A 216 -4.93 7.36 10.42
C LEU A 216 -5.12 8.62 9.57
N ASN A 217 -6.14 9.41 9.87
CA ASN A 217 -6.39 10.60 9.04
C ASN A 217 -5.19 11.52 9.04
N TYR A 218 -4.60 11.70 10.22
CA TYR A 218 -3.50 12.63 10.37
C TYR A 218 -2.19 11.91 10.08
N SER A 219 -2.18 10.59 10.20
CA SER A 219 -0.96 9.78 10.09
C SER A 219 0.03 10.01 11.23
N TRP A 220 -0.48 10.19 12.43
CA TRP A 220 0.40 10.29 13.55
C TRP A 220 1.30 9.08 13.68
N ASN A 221 2.47 9.30 14.25
CA ASN A 221 3.48 8.23 14.38
C ASN A 221 3.41 7.42 15.66
N ILE A 222 3.27 8.11 16.79
CA ILE A 222 3.26 7.43 18.10
C ILE A 222 2.25 6.30 18.20
N PRO A 223 1.02 6.50 17.72
CA PRO A 223 0.02 5.43 17.82
C PRO A 223 0.42 4.18 17.05
N ALA A 224 1.10 4.36 15.93
CA ALA A 224 1.52 3.21 15.12
C ALA A 224 2.65 2.50 15.86
N TYR A 225 3.55 3.29 16.46
CA TYR A 225 4.65 2.71 17.24
C TYR A 225 4.10 1.82 18.37
N TRP A 226 3.12 2.31 19.10
CA TRP A 226 2.57 1.54 20.24
C TRP A 226 1.79 0.26 19.74
N THR A 227 1.16 0.37 18.57
CA THR A 227 0.38 -0.74 18.00
C THR A 227 1.34 -1.84 17.62
N TYR A 228 2.47 -1.48 16.99
CA TYR A 228 3.44 -2.51 16.68
C TYR A 228 4.07 -3.07 17.94
N ARG A 229 4.32 -2.21 18.93
CA ARG A 229 4.80 -2.80 20.20
C ARG A 229 3.79 -3.76 20.84
N MET A 230 2.50 -3.45 20.72
CA MET A 230 1.48 -4.37 21.23
C MET A 230 1.47 -5.71 20.47
N LEU A 231 1.70 -5.68 19.16
CA LEU A 231 1.81 -6.92 18.37
C LEU A 231 2.99 -7.78 18.84
N ARG A 232 4.13 -7.12 19.04
CA ARG A 232 5.31 -7.80 19.57
C ARG A 232 4.98 -8.49 20.90
N GLU A 233 4.32 -7.75 21.80
CA GLU A 233 4.02 -8.27 23.14
C GLU A 233 3.07 -9.46 23.07
N ASN A 234 2.24 -9.52 22.03
CA ASN A 234 1.33 -10.64 21.90
C ASN A 234 1.93 -11.75 21.04
N GLY A 235 3.20 -11.59 20.69
CA GLY A 235 3.89 -12.57 19.85
C GLY A 235 3.21 -12.87 18.53
N VAL A 236 2.60 -11.84 17.93
CA VAL A 236 1.89 -12.00 16.66
C VAL A 236 2.90 -12.28 15.54
N ASP A 237 2.56 -13.23 14.67
CA ASP A 237 3.37 -13.53 13.49
C ASP A 237 3.18 -12.49 12.39
N VAL A 238 3.70 -11.29 12.64
CA VAL A 238 3.62 -10.22 11.69
C VAL A 238 4.27 -10.59 10.36
N LYS A 239 5.46 -11.20 10.41
CA LYS A 239 6.18 -11.63 9.19
C LYS A 239 5.29 -12.52 8.30
N GLY A 240 4.43 -13.29 8.95
CA GLY A 240 3.56 -14.22 8.23
C GLY A 240 2.61 -13.49 7.30
N TYR A 241 2.00 -12.42 7.82
CA TYR A 241 1.14 -11.60 7.04
C TYR A 241 1.93 -10.99 5.91
N MET A 242 3.04 -10.35 6.27
CA MET A 242 3.75 -9.61 5.24
C MET A 242 4.28 -10.51 4.12
N GLU A 243 4.87 -11.65 4.46
CA GLU A 243 5.38 -12.55 3.43
C GLU A 243 4.26 -13.13 2.60
N LYS A 244 3.07 -13.30 3.16
CA LYS A 244 1.94 -13.73 2.30
C LYS A 244 1.62 -12.74 1.19
N MET A 245 1.94 -11.45 1.39
CA MET A 245 1.78 -10.44 0.33
C MET A 245 3.03 -10.21 -0.50
N GLY A 246 4.08 -11.00 -0.26
CA GLY A 246 5.29 -10.93 -1.07
C GLY A 246 6.32 -9.88 -0.64
N TYR A 247 6.12 -9.29 0.55
CA TYR A 247 7.09 -8.32 1.09
C TYR A 247 8.29 -9.06 1.63
N GLU A 248 9.47 -8.50 1.38
CA GLU A 248 10.68 -9.06 1.99
C GLU A 248 11.30 -8.00 2.89
N ILE A 249 11.25 -8.26 4.19
CA ILE A 249 11.71 -7.32 5.21
C ILE A 249 12.74 -8.10 6.03
N PRO A 250 13.98 -7.61 6.07
CA PRO A 250 15.03 -8.45 6.59
C PRO A 250 15.00 -8.55 8.13
N GLU A 251 14.39 -7.58 8.79
CA GLU A 251 14.47 -7.49 10.24
C GLU A 251 13.18 -6.88 10.80
N TYR A 252 12.45 -7.66 11.61
CA TYR A 252 11.18 -7.15 12.17
C TYR A 252 11.37 -6.43 13.50
N GLY A 253 12.58 -6.55 14.03
CA GLY A 253 12.86 -6.04 15.36
C GLY A 253 13.38 -4.62 15.24
N ILE A 254 12.50 -3.73 14.78
CA ILE A 254 12.77 -2.32 14.53
C ILE A 254 11.62 -1.46 15.07
N GLU A 255 11.92 -0.52 15.95
CA GLU A 255 10.85 0.30 16.52
C GLU A 255 10.06 1.07 15.49
N SER A 256 10.74 1.57 14.47
CA SER A 256 10.09 2.42 13.48
C SER A 256 9.49 1.61 12.31
N LEU A 257 9.42 0.28 12.46
CA LEU A 257 8.91 -0.57 11.35
C LEU A 257 7.55 -0.13 10.76
N PRO A 258 6.57 0.14 11.62
CA PRO A 258 5.22 0.48 11.15
C PRO A 258 5.15 1.87 10.55
N MET A 259 6.21 2.68 10.66
CA MET A 259 6.30 3.95 9.93
C MET A 259 7.18 3.79 8.70
N GLY A 260 7.53 2.55 8.38
CA GLY A 260 8.28 2.33 7.15
C GLY A 260 9.80 2.25 7.39
N GLY A 261 10.26 2.31 8.64
CA GLY A 261 11.72 2.20 8.87
C GLY A 261 12.14 0.75 8.62
N GLY A 262 13.21 0.53 7.88
CA GLY A 262 13.71 -0.83 7.67
C GLY A 262 12.95 -1.60 6.60
N ILE A 263 12.14 -0.88 5.83
CA ILE A 263 11.43 -1.51 4.71
C ILE A 263 11.75 -0.74 3.44
N GLU A 264 12.03 -1.44 2.35
CA GLU A 264 12.12 -0.76 1.04
C GLU A 264 11.44 -1.63 -0.02
N VAL A 265 10.56 -0.98 -0.77
CA VAL A 265 9.65 -1.67 -1.67
C VAL A 265 9.60 -0.97 -3.01
N THR A 266 9.30 -1.75 -4.06
CA THR A 266 8.95 -1.14 -5.37
C THR A 266 7.51 -0.70 -5.34
N VAL A 267 7.19 0.25 -6.19
CA VAL A 267 5.80 0.65 -6.29
C VAL A 267 4.90 -0.54 -6.66
N ALA A 268 5.38 -1.40 -7.57
CA ALA A 268 4.57 -2.59 -7.95
C ALA A 268 4.27 -3.51 -6.78
N GLN A 269 5.27 -3.79 -5.95
CA GLN A 269 5.05 -4.67 -4.82
C GLN A 269 4.10 -3.97 -3.84
N HIS A 270 4.36 -2.68 -3.54
CA HIS A 270 3.53 -2.01 -2.58
C HIS A 270 2.08 -1.83 -2.99
N THR A 271 1.86 -1.60 -4.28
CA THR A 271 0.53 -1.61 -4.84
C THR A 271 -0.16 -2.96 -4.53
N ASN A 272 0.62 -4.05 -4.52
CA ASN A 272 0.02 -5.35 -4.25
C ASN A 272 -0.48 -5.48 -2.80
N GLY A 273 0.20 -4.88 -1.84
CA GLY A 273 -0.31 -4.88 -0.45
C GLY A 273 -1.65 -4.17 -0.43
N TYR A 274 -1.74 -2.98 -1.04
CA TYR A 274 -3.03 -2.29 -1.01
C TYR A 274 -4.12 -2.99 -1.87
N GLN A 275 -3.72 -3.65 -2.94
CA GLN A 275 -4.64 -4.59 -3.63
C GLN A 275 -5.29 -5.59 -2.61
N THR A 276 -4.47 -6.13 -1.73
CA THR A 276 -4.96 -7.13 -0.77
C THR A 276 -6.06 -6.56 0.14
N LEU A 277 -5.86 -5.32 0.62
CA LEU A 277 -6.83 -4.73 1.52
C LEU A 277 -8.11 -4.44 0.70
N ALA A 278 -7.93 -3.95 -0.50
CA ALA A 278 -9.10 -3.53 -1.33
C ALA A 278 -9.90 -4.73 -1.76
N ASN A 279 -9.19 -5.85 -1.99
CA ASN A 279 -9.84 -7.09 -2.43
C ASN A 279 -10.42 -7.92 -1.26
N ASN A 280 -11.00 -7.22 -0.28
CA ASN A 280 -11.54 -7.88 0.92
C ASN A 280 -10.59 -8.89 1.53
N GLY A 281 -9.29 -8.57 1.47
CA GLY A 281 -8.34 -9.30 2.28
C GLY A 281 -7.60 -10.37 1.49
N VAL A 282 -8.02 -10.58 0.24
CA VAL A 282 -7.47 -11.68 -0.57
C VAL A 282 -6.40 -11.16 -1.54
N TYR A 283 -5.20 -11.69 -1.37
CA TYR A 283 -4.03 -11.35 -2.17
C TYR A 283 -4.02 -12.14 -3.49
N HIS A 284 -3.76 -11.44 -4.57
CA HIS A 284 -3.41 -12.05 -5.83
C HIS A 284 -2.04 -11.51 -6.22
N GLN A 285 -1.14 -12.41 -6.61
CA GLN A 285 0.21 -11.95 -6.90
C GLN A 285 0.25 -11.05 -8.11
N LYS A 286 0.90 -9.90 -7.95
CA LYS A 286 1.08 -8.96 -9.09
C LYS A 286 1.76 -9.66 -10.30
N HIS A 287 1.39 -9.28 -11.52
CA HIS A 287 2.11 -9.81 -12.69
C HIS A 287 1.86 -8.87 -13.86
N VAL A 288 2.85 -8.83 -14.75
CA VAL A 288 2.71 -8.12 -16.00
C VAL A 288 2.75 -9.04 -17.22
N ILE A 289 3.23 -10.26 -17.02
CA ILE A 289 3.22 -11.28 -18.09
C ILE A 289 2.19 -12.32 -17.74
N SER A 290 1.23 -12.56 -18.62
CA SER A 290 0.26 -13.60 -18.33
C SER A 290 0.58 -14.96 -18.98
N LYS A 291 1.29 -14.93 -20.11
CA LYS A 291 1.54 -16.16 -20.88
C LYS A 291 2.66 -15.89 -21.87
N ILE A 292 3.50 -16.90 -22.10
CA ILE A 292 4.41 -16.89 -23.22
C ILE A 292 4.21 -18.21 -24.01
N GLU A 293 4.03 -18.10 -25.33
CA GLU A 293 3.84 -19.29 -26.21
C GLU A 293 4.91 -19.29 -27.26
N ALA A 294 5.38 -20.48 -27.66
CA ALA A 294 6.19 -20.62 -28.85
C ALA A 294 5.27 -20.34 -30.01
N ALA A 295 5.83 -20.26 -31.21
CA ALA A 295 5.04 -20.05 -32.41
C ALA A 295 4.04 -21.19 -32.68
N ASP A 296 4.44 -22.43 -32.34
CA ASP A 296 3.57 -23.58 -32.58
C ASP A 296 2.52 -23.81 -31.50
N GLY A 297 2.44 -22.90 -30.52
CA GLY A 297 1.44 -23.04 -29.46
C GLY A 297 1.94 -23.60 -28.12
N ARG A 298 3.13 -24.20 -28.09
CA ARG A 298 3.64 -24.71 -26.79
C ARG A 298 3.67 -23.58 -25.78
N VAL A 299 3.15 -23.83 -24.58
CA VAL A 299 3.16 -22.87 -23.47
C VAL A 299 4.43 -22.96 -22.67
N VAL A 300 5.27 -21.94 -22.82
CA VAL A 300 6.54 -21.85 -22.15
C VAL A 300 6.26 -21.44 -20.70
N TYR A 301 5.30 -20.52 -20.52
CA TYR A 301 5.00 -19.90 -19.22
C TYR A 301 3.56 -19.45 -19.21
N GLU A 302 2.89 -19.74 -18.10
CA GLU A 302 1.55 -19.20 -17.88
C GLU A 302 1.37 -18.84 -16.43
N TYR A 303 0.89 -17.62 -16.18
CA TYR A 303 0.66 -17.20 -14.83
C TYR A 303 -0.39 -18.09 -14.15
N GLN A 304 -0.14 -18.42 -12.88
CA GLN A 304 -1.01 -19.31 -12.16
C GLN A 304 -1.54 -18.57 -10.91
N ASP A 305 -2.85 -18.33 -10.84
CA ASP A 305 -3.37 -17.55 -9.71
C ASP A 305 -3.27 -18.38 -8.43
N LYS A 306 -2.84 -17.78 -7.34
CA LYS A 306 -2.76 -18.50 -6.06
C LYS A 306 -3.33 -17.57 -4.98
N PRO A 307 -4.65 -17.39 -4.96
CA PRO A 307 -5.27 -16.42 -4.02
C PRO A 307 -4.97 -16.79 -2.55
N VAL A 308 -4.73 -15.79 -1.69
CA VAL A 308 -4.53 -16.08 -0.27
C VAL A 308 -5.35 -15.11 0.60
N GLN A 309 -6.05 -15.63 1.62
CA GLN A 309 -6.83 -14.76 2.52
C GLN A 309 -5.84 -14.24 3.55
N VAL A 310 -5.29 -13.07 3.32
CA VAL A 310 -4.26 -12.54 4.21
C VAL A 310 -4.85 -11.91 5.51
N TYR A 311 -5.83 -11.04 5.35
CA TYR A 311 -6.64 -10.52 6.47
C TYR A 311 -8.05 -11.11 6.31
N SER A 312 -8.74 -11.33 7.43
CA SER A 312 -10.12 -11.78 7.34
C SER A 312 -10.90 -10.76 6.54
N LYS A 313 -12.01 -11.20 5.96
CA LYS A 313 -12.93 -10.23 5.28
C LYS A 313 -13.41 -9.09 6.22
N ALA A 314 -13.73 -9.47 7.46
CA ALA A 314 -14.05 -8.47 8.51
C ALA A 314 -12.98 -7.38 8.59
N THR A 315 -11.74 -7.81 8.74
CA THR A 315 -10.66 -6.84 8.94
C THR A 315 -10.49 -5.93 7.75
N ALA A 316 -10.44 -6.52 6.56
CA ALA A 316 -10.22 -5.75 5.35
C ALA A 316 -11.33 -4.70 5.20
N THR A 317 -12.58 -5.11 5.44
CA THR A 317 -13.67 -4.22 5.11
C THR A 317 -13.73 -3.12 6.17
N ILE A 318 -13.32 -3.44 7.40
CA ILE A 318 -13.20 -2.40 8.43
C ILE A 318 -12.14 -1.38 7.99
N MET A 319 -10.97 -1.88 7.57
CA MET A 319 -9.92 -0.98 7.08
C MET A 319 -10.37 -0.11 5.89
N GLN A 320 -11.13 -0.67 4.94
CA GLN A 320 -11.65 0.11 3.80
C GLN A 320 -12.38 1.36 4.30
N GLY A 321 -13.23 1.15 5.31
CA GLY A 321 -14.02 2.24 5.85
C GLY A 321 -13.07 3.27 6.44
N LEU A 322 -11.99 2.83 7.11
CA LEU A 322 -11.08 3.84 7.71
C LEU A 322 -10.31 4.63 6.63
N LEU A 323 -9.88 3.92 5.59
CA LEU A 323 -9.08 4.54 4.52
C LEU A 323 -9.97 5.40 3.60
N ARG A 324 -11.29 5.15 3.60
CA ARG A 324 -12.18 6.07 2.94
C ARG A 324 -12.10 7.48 3.58
N GLU A 325 -12.08 7.53 4.91
CA GLU A 325 -12.06 8.84 5.61
C GLU A 325 -10.67 9.45 5.63
N VAL A 326 -9.62 8.65 5.41
CA VAL A 326 -8.30 9.24 5.17
C VAL A 326 -8.38 10.21 4.02
N LEU A 327 -8.97 9.77 2.91
CA LEU A 327 -9.09 10.68 1.75
C LEU A 327 -10.15 11.79 1.99
N SER A 328 -11.33 11.41 2.51
CA SER A 328 -12.41 12.35 2.74
C SER A 328 -11.99 13.47 3.65
N SER A 329 -11.26 13.15 4.73
CA SER A 329 -10.89 14.19 5.71
C SER A 329 -9.96 15.25 5.12
N ARG A 330 -9.29 14.89 4.03
CA ARG A 330 -8.34 15.77 3.34
C ARG A 330 -7.18 16.28 4.18
N VAL A 331 -6.88 15.58 5.27
CA VAL A 331 -5.86 16.07 6.21
C VAL A 331 -4.43 16.01 5.61
N THR A 332 -4.07 14.88 4.97
CA THR A 332 -2.68 14.68 4.51
C THR A 332 -2.66 14.60 3.00
N THR A 333 -3.81 14.90 2.37
CA THR A 333 -3.83 14.90 0.91
C THR A 333 -5.03 15.72 0.38
N THR A 334 -4.78 16.49 -0.68
CA THR A 334 -5.86 17.31 -1.28
C THR A 334 -6.59 16.48 -2.35
N PHE A 335 -6.18 15.21 -2.52
CA PHE A 335 -6.65 14.43 -3.68
C PHE A 335 -8.16 14.56 -3.98
N LYS A 336 -9.02 14.35 -2.99
CA LYS A 336 -10.47 14.40 -3.24
C LYS A 336 -10.90 15.74 -3.81
N SER A 337 -10.34 16.84 -3.30
CA SER A 337 -10.63 18.22 -3.86
C SER A 337 -10.14 18.28 -5.31
N ASN A 338 -8.93 17.79 -5.58
CA ASN A 338 -8.34 17.87 -6.92
C ASN A 338 -9.21 17.08 -7.90
N LEU A 339 -9.58 15.87 -7.50
CA LEU A 339 -10.35 15.01 -8.43
C LEU A 339 -11.78 15.47 -8.56
N THR A 340 -12.38 15.96 -7.48
CA THR A 340 -13.73 16.55 -7.60
C THR A 340 -13.78 17.63 -8.71
N SER A 341 -12.75 18.48 -8.80
CA SER A 341 -12.79 19.52 -9.81
C SER A 341 -12.56 18.95 -11.22
N LEU A 342 -11.68 17.99 -11.34
CA LEU A 342 -11.32 17.47 -12.66
C LEU A 342 -12.49 16.61 -13.20
N ASN A 343 -13.15 15.87 -12.31
CA ASN A 343 -14.11 14.82 -12.78
C ASN A 343 -15.02 14.38 -11.63
N PRO A 344 -16.04 15.19 -11.36
CA PRO A 344 -16.78 15.04 -10.15
C PRO A 344 -17.54 13.72 -10.11
N THR A 345 -17.92 13.24 -11.29
CA THR A 345 -18.58 11.90 -11.31
C THR A 345 -17.63 10.79 -10.89
N LEU A 346 -16.37 10.85 -11.36
CA LEU A 346 -15.36 9.88 -10.90
C LEU A 346 -14.99 10.06 -9.42
N ALA A 347 -14.98 11.32 -8.94
CA ALA A 347 -14.72 11.55 -7.52
C ALA A 347 -15.78 10.92 -6.63
N ASN A 348 -16.97 10.70 -7.17
CA ASN A 348 -18.06 10.07 -6.41
C ASN A 348 -17.97 8.55 -6.35
N ALA A 349 -17.00 7.99 -7.07
CA ALA A 349 -16.71 6.56 -6.94
C ALA A 349 -16.19 6.34 -5.55
N ASP A 350 -16.08 5.08 -5.11
CA ASP A 350 -15.75 4.85 -3.68
C ASP A 350 -14.24 4.75 -3.47
N TRP A 351 -13.58 5.89 -3.44
CA TRP A 351 -12.12 5.97 -3.23
C TRP A 351 -11.72 5.72 -1.81
N ILE A 352 -10.64 4.97 -1.59
CA ILE A 352 -10.01 4.88 -0.24
C ILE A 352 -8.53 4.93 -0.49
N GLY A 353 -7.77 5.32 0.51
CA GLY A 353 -6.34 5.46 0.21
C GLY A 353 -5.54 5.87 1.44
N LYS A 354 -4.21 5.99 1.27
CA LYS A 354 -3.36 6.38 2.39
C LYS A 354 -2.14 7.08 1.83
N THR A 355 -1.69 8.14 2.50
CA THR A 355 -0.46 8.81 2.13
C THR A 355 0.73 8.24 2.87
N GLY A 356 1.92 8.57 2.39
CA GLY A 356 3.14 8.26 3.11
C GLY A 356 4.13 9.39 2.99
N THR A 357 4.85 9.69 4.08
CA THR A 357 5.89 10.73 3.97
C THR A 357 7.13 10.31 4.76
N THR A 358 8.32 10.40 4.16
CA THR A 358 9.50 10.06 4.96
C THR A 358 9.99 11.20 5.89
N GLY A 359 10.92 10.83 6.76
CA GLY A 359 11.27 11.75 7.84
C GLY A 359 11.88 13.04 7.33
N GLN A 360 12.72 12.95 6.31
CA GLN A 360 13.23 14.19 5.73
C GLN A 360 12.46 14.56 4.48
N ASP A 361 11.26 14.02 4.35
CA ASP A 361 10.46 14.37 3.22
C ASP A 361 11.23 13.87 1.98
N GLU A 362 11.85 12.70 2.09
CA GLU A 362 12.57 12.12 0.91
C GLU A 362 11.65 11.36 -0.04
N ASN A 363 10.59 10.77 0.47
CA ASN A 363 9.74 9.95 -0.39
C ASN A 363 8.31 10.35 -0.06
N MET A 364 7.45 10.53 -1.06
CA MET A 364 6.02 10.73 -0.75
C MET A 364 5.30 9.64 -1.46
N TRP A 365 4.24 9.11 -0.84
CA TRP A 365 3.44 8.07 -1.46
C TRP A 365 1.96 8.46 -1.38
N LEU A 366 1.20 8.03 -2.37
CA LEU A 366 -0.24 8.02 -2.22
C LEU A 366 -0.76 6.77 -2.87
N MET A 367 -1.42 5.95 -2.06
CA MET A 367 -1.98 4.68 -2.55
C MET A 367 -3.50 4.86 -2.61
N LEU A 368 -4.12 4.54 -3.75
CA LEU A 368 -5.56 4.76 -3.96
C LEU A 368 -6.22 3.45 -4.41
N SER A 369 -7.45 3.18 -3.93
CA SER A 369 -8.21 2.08 -4.48
C SER A 369 -9.67 2.40 -4.63
N THR A 370 -10.28 1.80 -5.65
CA THR A 370 -11.73 1.58 -5.68
C THR A 370 -11.91 0.06 -5.54
N PRO A 371 -13.15 -0.42 -5.39
CA PRO A 371 -13.32 -1.87 -5.31
C PRO A 371 -12.63 -2.59 -6.52
N ARG A 372 -12.65 -1.99 -7.70
CA ARG A 372 -12.03 -2.68 -8.88
C ARG A 372 -10.52 -2.60 -8.96
N LEU A 373 -9.99 -1.42 -8.72
CA LEU A 373 -8.55 -1.15 -9.05
C LEU A 373 -7.80 -0.57 -7.86
N THR A 374 -6.46 -0.72 -7.87
CA THR A 374 -5.59 0.03 -6.98
C THR A 374 -4.56 0.75 -7.86
N LEU A 375 -4.20 1.97 -7.47
CA LEU A 375 -3.18 2.73 -8.17
C LEU A 375 -2.18 3.12 -7.07
N GLY A 376 -0.94 2.66 -7.21
CA GLY A 376 0.14 3.09 -6.29
C GLY A 376 0.85 4.30 -6.86
N GLY A 377 1.32 5.20 -6.02
CA GLY A 377 2.17 6.30 -6.53
C GLY A 377 3.22 6.73 -5.53
N TRP A 378 4.44 6.87 -6.04
CA TRP A 378 5.55 7.33 -5.28
C TRP A 378 6.10 8.55 -6.04
N ILE A 379 6.65 9.51 -5.30
CA ILE A 379 7.51 10.46 -5.95
C ILE A 379 8.70 10.69 -5.03
N GLY A 380 9.77 11.20 -5.60
CA GLY A 380 11.02 11.39 -4.86
C GLY A 380 12.16 11.73 -5.79
N HIS A 381 13.39 11.79 -5.25
CA HIS A 381 14.54 12.09 -6.08
C HIS A 381 15.40 10.82 -6.15
N ASP A 382 16.06 10.62 -7.28
CA ASP A 382 16.86 9.42 -7.43
C ASP A 382 18.03 9.39 -6.43
N ASP A 383 18.65 10.53 -6.15
CA ASP A 383 19.68 10.55 -5.10
C ASP A 383 19.19 10.66 -3.62
N ASN A 384 17.89 10.53 -3.38
CA ASN A 384 17.24 10.67 -2.04
C ASN A 384 17.27 12.04 -1.35
N HIS A 385 17.61 13.12 -2.03
CA HIS A 385 17.51 14.41 -1.33
C HIS A 385 16.02 14.83 -1.09
N SER A 386 15.81 15.72 -0.12
CA SER A 386 14.47 15.97 0.38
C SER A 386 13.59 16.68 -0.70
N LEU A 387 12.31 16.35 -0.71
CA LEU A 387 11.26 17.09 -1.45
C LEU A 387 10.74 18.26 -0.60
N SER A 388 9.88 19.14 -1.12
CA SER A 388 9.31 20.20 -0.26
C SER A 388 8.34 19.57 0.75
N GLN A 389 7.99 20.35 1.78
CA GLN A 389 7.13 19.83 2.86
C GLN A 389 5.77 19.38 2.33
N GLN A 390 5.26 20.10 1.33
CA GLN A 390 3.92 19.82 0.74
C GLN A 390 3.89 19.00 -0.55
N ALA A 391 5.04 18.47 -0.97
CA ALA A 391 5.12 17.66 -2.21
C ALA A 391 4.09 16.53 -2.21
N GLY A 392 3.92 15.83 -1.10
CA GLY A 392 2.94 14.69 -1.09
C GLY A 392 1.50 15.22 -0.93
N TYR A 393 1.33 16.18 -0.05
CA TYR A 393 0.00 16.67 0.35
C TYR A 393 -0.68 17.27 -0.86
N SER A 394 0.07 18.07 -1.64
CA SER A 394 -0.56 18.84 -2.72
C SER A 394 -0.06 18.36 -4.09
N ASN A 395 1.24 18.45 -4.36
CA ASN A 395 1.74 18.14 -5.75
C ASN A 395 1.38 16.76 -6.23
N ASN A 396 1.76 15.73 -5.47
CA ASN A 396 1.50 14.37 -5.92
C ASN A 396 0.02 14.06 -5.93
N SER A 397 -0.72 14.64 -4.98
CA SER A 397 -2.19 14.51 -5.00
C SER A 397 -2.78 15.07 -6.27
N ASN A 398 -2.36 16.29 -6.63
CA ASN A 398 -2.89 16.88 -7.86
C ASN A 398 -2.50 16.06 -9.11
N TYR A 399 -1.22 15.70 -9.19
CA TYR A 399 -0.76 14.83 -10.28
C TYR A 399 -1.59 13.53 -10.34
N MET A 400 -1.72 12.83 -9.23
CA MET A 400 -2.47 11.54 -9.29
C MET A 400 -3.94 11.74 -9.62
N ALA A 401 -4.51 12.87 -9.21
CA ALA A 401 -5.87 13.19 -9.66
C ALA A 401 -5.92 13.28 -11.21
N HIS A 402 -4.98 13.97 -11.85
CA HIS A 402 -4.95 14.02 -13.30
C HIS A 402 -4.73 12.62 -13.89
N LEU A 403 -3.85 11.85 -13.25
CA LEU A 403 -3.58 10.50 -13.78
C LEU A 403 -4.83 9.59 -13.71
N VAL A 404 -5.57 9.68 -12.61
CA VAL A 404 -6.80 8.85 -12.43
C VAL A 404 -7.85 9.31 -13.47
N ASN A 405 -7.91 10.62 -13.69
CA ASN A 405 -8.84 11.17 -14.69
C ASN A 405 -8.46 10.66 -16.09
N ALA A 406 -7.16 10.70 -16.41
CA ALA A 406 -6.71 10.22 -17.71
C ALA A 406 -7.04 8.73 -17.92
N ILE A 407 -6.92 7.93 -16.88
CA ILE A 407 -7.17 6.48 -16.97
C ILE A 407 -8.68 6.30 -17.25
N GLN A 408 -9.49 7.03 -16.52
CA GLN A 408 -10.95 6.90 -16.71
C GLN A 408 -11.41 7.36 -18.08
N GLN A 409 -10.82 8.46 -18.55
CA GLN A 409 -11.19 8.95 -19.87
C GLN A 409 -10.87 7.95 -20.96
N ALA A 410 -9.78 7.23 -20.77
CA ALA A 410 -9.37 6.22 -21.74
C ALA A 410 -10.14 4.91 -21.61
N SER A 411 -10.72 4.64 -20.45
CA SER A 411 -11.48 3.40 -20.26
C SER A 411 -12.60 3.68 -19.24
N PRO A 412 -13.74 4.20 -19.72
CA PRO A 412 -14.71 4.86 -18.84
C PRO A 412 -15.21 4.04 -17.68
N SER A 413 -15.29 2.71 -17.84
CA SER A 413 -15.84 1.86 -16.74
C SER A 413 -14.80 1.19 -15.83
N ILE A 414 -13.51 1.46 -16.06
CA ILE A 414 -12.44 0.67 -15.43
C ILE A 414 -12.38 0.79 -13.90
N TRP A 415 -12.70 1.98 -13.36
CA TRP A 415 -12.64 2.18 -11.92
C TRP A 415 -13.84 1.55 -11.23
N GLY A 416 -14.99 1.62 -11.90
CA GLY A 416 -16.24 0.96 -11.50
C GLY A 416 -16.98 1.84 -10.47
N ASN A 417 -18.24 1.53 -10.22
CA ASN A 417 -19.13 2.39 -9.37
C ASN A 417 -19.58 1.60 -8.15
N GLU A 418 -18.95 0.45 -7.93
CA GLU A 418 -19.24 -0.38 -6.74
C GLU A 418 -18.78 0.33 -5.47
N ARG A 419 -19.43 -0.01 -4.36
CA ARG A 419 -19.03 0.58 -3.08
C ARG A 419 -18.31 -0.52 -2.31
N PHE A 420 -17.29 -0.15 -1.51
CA PHE A 420 -16.80 -1.01 -0.45
C PHE A 420 -17.87 -1.11 0.68
N ALA A 421 -17.98 -2.27 1.33
CA ALA A 421 -18.99 -2.43 2.39
C ALA A 421 -18.52 -3.40 3.44
N LEU A 422 -18.97 -3.17 4.68
CA LEU A 422 -18.60 -4.00 5.81
C LEU A 422 -19.06 -5.44 5.50
N ASP A 423 -18.17 -6.41 5.64
CA ASP A 423 -18.59 -7.81 5.58
C ASP A 423 -19.57 -8.15 6.70
N PRO A 424 -20.54 -9.04 6.41
CA PRO A 424 -21.50 -9.48 7.43
C PRO A 424 -20.84 -10.02 8.68
N SER A 425 -19.61 -10.52 8.57
CA SER A 425 -18.98 -11.13 9.74
C SER A 425 -18.46 -10.08 10.74
N VAL A 426 -18.42 -8.80 10.34
CA VAL A 426 -17.97 -7.74 11.24
C VAL A 426 -18.84 -7.74 12.50
N VAL A 427 -18.22 -7.58 13.67
CA VAL A 427 -18.95 -7.44 14.93
C VAL A 427 -19.04 -5.98 15.30
N LYS A 428 -20.25 -5.51 15.60
CA LYS A 428 -20.47 -4.11 15.94
C LYS A 428 -20.70 -3.99 17.46
N SER A 429 -19.86 -3.22 18.14
CA SER A 429 -20.04 -2.99 19.59
C SER A 429 -20.36 -1.53 19.91
N GLU A 430 -21.21 -1.32 20.92
CA GLU A 430 -21.41 0.00 21.49
C GLU A 430 -20.32 0.24 22.54
N VAL A 431 -19.53 1.29 22.34
CA VAL A 431 -18.39 1.59 23.23
C VAL A 431 -18.39 3.07 23.55
N LEU A 432 -17.85 3.45 24.71
CA LEU A 432 -17.63 4.85 25.07
C LEU A 432 -16.71 5.50 24.05
N LYS A 433 -17.06 6.71 23.66
CA LYS A 433 -16.27 7.47 22.72
C LYS A 433 -14.93 7.77 23.38
N SER A 434 -14.97 8.07 24.67
CA SER A 434 -13.77 8.36 25.43
C SER A 434 -12.83 7.16 25.56
N THR A 435 -13.36 5.95 25.76
CA THR A 435 -12.46 4.83 26.03
C THR A 435 -12.29 3.89 24.85
N GLY A 436 -13.22 3.97 23.92
CA GLY A 436 -13.27 3.04 22.79
C GLY A 436 -13.60 1.65 23.26
N GLN A 437 -14.03 1.56 24.52
CA GLN A 437 -14.46 0.30 25.13
C GLN A 437 -15.85 0.39 25.78
N LYS A 438 -16.43 -0.77 26.08
CA LYS A 438 -17.78 -0.84 26.63
C LYS A 438 -17.85 -0.15 28.01
N PRO A 439 -18.92 0.61 28.22
CA PRO A 439 -19.17 1.30 29.49
C PRO A 439 -19.12 0.34 30.67
N GLY A 440 -18.59 0.80 31.81
CA GLY A 440 -18.75 0.06 33.07
C GLY A 440 -17.86 0.59 34.16
N LYS A 441 -17.92 -0.04 35.34
CA LYS A 441 -17.10 0.39 36.48
C LYS A 441 -15.60 0.22 36.15
N VAL A 442 -14.81 1.18 36.65
CA VAL A 442 -13.34 1.13 36.49
C VAL A 442 -12.65 1.64 37.77
N SER A 443 -11.49 1.05 38.07
CA SER A 443 -10.67 1.41 39.21
C SER A 443 -9.70 2.56 38.92
N VAL A 444 -9.93 3.72 39.56
CA VAL A 444 -9.05 4.89 39.36
C VAL A 444 -8.56 5.40 40.72
N GLU A 445 -7.30 5.08 41.03
CA GLU A 445 -6.83 5.10 42.42
C GLU A 445 -7.91 5.57 43.37
N GLY A 446 -8.54 4.62 44.04
CA GLY A 446 -9.63 4.94 44.96
C GLY A 446 -10.96 4.69 44.26
N LYS A 447 -11.77 5.74 44.18
CA LYS A 447 -13.13 5.60 43.65
C LYS A 447 -13.19 4.60 42.50
N GLU A 448 -13.69 3.41 42.82
CA GLU A 448 -14.24 2.51 41.83
C GLU A 448 -15.43 3.22 41.17
N VAL A 449 -15.32 3.48 39.88
CA VAL A 449 -16.01 4.61 39.23
C VAL A 449 -16.91 4.14 38.08
N GLU A 450 -18.11 4.70 37.99
CA GLU A 450 -19.06 4.31 36.96
C GLU A 450 -18.79 5.05 35.65
N VAL A 451 -18.17 4.37 34.69
CA VAL A 451 -17.81 5.01 33.45
C VAL A 451 -18.92 5.12 32.40
N THR A 452 -19.39 6.37 32.28
CA THR A 452 -20.63 6.79 31.61
C THR A 452 -20.15 7.65 30.45
N GLY A 453 -21.08 8.23 29.67
CA GLY A 453 -20.73 9.27 28.69
C GLY A 453 -21.12 8.88 27.26
N SER A 454 -20.99 9.81 26.31
CA SER A 454 -21.48 9.54 24.95
C SER A 454 -20.81 8.33 24.27
N THR A 455 -21.56 7.62 23.44
CA THR A 455 -21.10 6.37 22.85
C THR A 455 -21.09 6.37 21.31
N VAL A 456 -20.55 5.30 20.74
CA VAL A 456 -20.36 5.20 19.29
C VAL A 456 -20.29 3.69 18.94
N THR A 457 -20.55 3.32 17.70
CA THR A 457 -20.46 1.92 17.29
C THR A 457 -19.03 1.66 16.83
N SER A 458 -18.41 0.63 17.39
CA SER A 458 -17.05 0.31 17.00
C SER A 458 -17.06 -1.03 16.28
N TYR A 459 -16.31 -1.12 15.19
CA TYR A 459 -16.26 -2.34 14.41
C TYR A 459 -15.08 -3.22 14.76
N TRP A 460 -15.36 -4.51 14.96
CA TRP A 460 -14.34 -5.49 15.34
C TRP A 460 -14.30 -6.69 14.38
N ALA A 461 -13.16 -7.37 14.36
CA ALA A 461 -13.02 -8.58 13.51
C ALA A 461 -12.76 -9.85 14.34
N ASN A 462 -13.27 -9.88 15.58
CA ASN A 462 -13.12 -11.05 16.44
C ASN A 462 -14.52 -11.64 16.59
N LYS A 463 -14.75 -12.50 17.58
CA LYS A 463 -16.09 -13.01 17.85
C LYS A 463 -16.90 -12.12 18.79
N SER A 464 -16.29 -11.65 19.88
CA SER A 464 -17.04 -10.97 20.96
C SER A 464 -17.10 -9.43 20.88
N GLY A 465 -16.40 -8.83 19.91
CA GLY A 465 -16.33 -7.35 19.83
C GLY A 465 -15.51 -6.66 20.91
N ALA A 466 -15.88 -5.40 21.22
CA ALA A 466 -15.15 -4.63 22.26
C ALA A 466 -15.23 -5.22 23.68
N PRO A 467 -14.11 -5.20 24.40
CA PRO A 467 -14.11 -5.49 25.85
C PRO A 467 -14.69 -4.35 26.71
N ALA A 468 -14.95 -4.65 27.99
CA ALA A 468 -15.37 -3.66 28.99
C ALA A 468 -14.26 -2.66 29.21
N THR A 469 -14.60 -1.41 29.53
CA THR A 469 -13.52 -0.43 29.70
C THR A 469 -12.62 -0.95 30.81
N SER A 470 -11.32 -0.88 30.63
CA SER A 470 -10.36 -1.16 31.70
C SER A 470 -9.57 0.13 31.91
N TYR A 471 -8.81 0.21 32.99
CA TYR A 471 -8.04 1.43 33.28
C TYR A 471 -7.05 1.81 32.17
N ARG A 472 -6.26 0.83 31.73
CA ARG A 472 -5.36 1.02 30.59
C ARG A 472 -6.15 0.79 29.28
N PHE A 473 -7.04 1.72 28.95
CA PHE A 473 -8.00 1.48 27.88
C PHE A 473 -7.38 1.66 26.48
N ALA A 474 -6.34 2.49 26.38
CA ALA A 474 -5.79 2.90 25.08
C ALA A 474 -4.68 1.95 24.62
N ILE A 475 -4.36 1.97 23.33
CA ILE A 475 -3.15 1.29 22.84
C ILE A 475 -1.94 2.15 23.17
N GLY A 476 -1.08 1.66 24.07
CA GLY A 476 0.06 2.46 24.55
C GLY A 476 -0.27 3.42 25.67
N GLY A 477 0.67 4.30 26.00
CA GLY A 477 0.50 5.26 27.09
C GLY A 477 1.32 4.93 28.34
N SER A 478 1.90 5.97 28.94
CA SER A 478 2.61 5.85 30.22
C SER A 478 1.65 6.00 31.41
N ASP A 479 2.16 5.71 32.62
CA ASP A 479 1.38 5.96 33.81
C ASP A 479 0.91 7.41 33.86
N ALA A 480 1.83 8.37 33.66
CA ALA A 480 1.47 9.78 33.76
C ALA A 480 0.37 10.06 32.74
N ASP A 481 0.55 9.53 31.52
CA ASP A 481 -0.44 9.67 30.45
C ASP A 481 -1.85 9.31 30.92
N TYR A 482 -1.98 8.12 31.51
CA TYR A 482 -3.30 7.65 31.94
C TYR A 482 -3.90 8.50 33.06
N GLN A 483 -3.04 8.97 33.95
CA GLN A 483 -3.48 9.81 35.03
C GLN A 483 -4.10 11.09 34.45
N ASN A 484 -3.44 11.67 33.45
CA ASN A 484 -3.95 12.83 32.73
C ASN A 484 -5.26 12.56 31.97
N ALA A 485 -5.31 11.41 31.28
CA ALA A 485 -6.48 11.07 30.47
C ALA A 485 -7.72 10.90 31.35
N TRP A 486 -7.57 10.03 32.35
CA TRP A 486 -8.65 9.73 33.29
C TRP A 486 -9.05 10.97 34.06
N SER A 487 -8.06 11.80 34.37
CA SER A 487 -8.33 13.07 35.05
C SER A 487 -9.34 13.82 34.21
N SER A 488 -9.04 13.87 32.91
CA SER A 488 -9.80 14.64 31.95
C SER A 488 -11.18 14.02 31.75
N ILE A 489 -11.23 12.72 31.49
CA ILE A 489 -12.46 11.96 31.41
C ILE A 489 -13.42 12.18 32.59
N VAL A 490 -12.88 12.40 33.80
CA VAL A 490 -13.73 12.55 34.98
C VAL A 490 -14.72 13.73 34.91
N GLY A 491 -14.23 14.95 34.67
CA GLY A 491 -15.06 16.15 34.65
C GLY A 491 -15.94 16.33 33.43
O6 ZA3 B . 7.82 9.27 10.28
C5 ZA3 B . 7.49 8.43 9.45
N4 ZA3 B . 6.20 8.24 9.00
C3 ZA3 B . 5.09 9.03 9.08
B ZA3 B . 4.20 8.96 7.79
O2 ZA3 B . 3.12 10.05 7.88
O1 ZA3 B . 5.05 9.11 6.52
C7 ZA3 B . 8.52 7.36 9.04
C14 ZA3 B . 9.46 6.88 9.95
N15 ZA3 B . 9.29 7.08 11.39
O16 ZA3 B . 8.16 7.34 12.26
O17 ZA3 B . 10.38 7.01 12.38
C8 ZA3 B . 8.80 7.25 7.69
C11 ZA3 B . 9.78 6.37 7.25
C12 ZA3 B . 10.62 5.74 8.17
C13 ZA3 B . 10.45 5.99 9.52
S SO4 C . 9.41 -6.74 -6.47
O1 SO4 C . 9.76 -6.50 -5.05
O2 SO4 C . 8.64 -5.60 -7.16
O3 SO4 C . 8.68 -8.04 -6.67
O4 SO4 C . 10.73 -6.84 -7.15
CL CL D . 11.85 -10.53 15.24
CL CL E . 7.21 -11.31 13.17
CL CL F . -14.84 13.65 -0.34
CL CL G . -13.52 -12.96 20.46
CL CL H . 7.77 -23.08 -32.39
CL CL I . -22.37 -3.91 22.25
CL CL J . 9.42 -6.17 -0.61
CL CL K . 5.17 -10.87 -14.17
CL CL L . 6.10 3.32 -21.39
NA NA M . 1.48 10.90 5.34
CL CL N . -8.23 20.50 -0.05
CL CL O . 16.40 8.18 16.43
#